data_9IQL
#
_entry.id   9IQL
#
_cell.length_a   52.239
_cell.length_b   52.239
_cell.length_c   203.458
_cell.angle_alpha   90.000
_cell.angle_beta   90.000
_cell.angle_gamma   90.000
#
_symmetry.space_group_name_H-M   'P 43 21 2'
#
loop_
_entity.id
_entity.type
_entity.pdbx_description
1 polymer 'Nuclear transport factor 2 family protein'
2 non-polymer (5~{R},6~{R})-6-[(~{E})-5-[(2~{S},3~{S},5~{S})-5-(2-hydroxyethyl)-3,5-dimethyl-oxolan-2-yl]-3-methyl-2-oxidanylidene-pent-3-enyl]-5-propyl-oxane-2,4-dione
3 non-polymer 1,2-ETHANEDIOL
4 non-polymer DI(HYDROXYETHYL)ETHER
5 non-polymer 'SULFATE ION'
6 water water
#
_entity_poly.entity_id   1
_entity_poly.type   'polypeptide(L)'
_entity_poly.pdbx_seq_one_letter_code
;MAKSVIHQFFESGAKGDVDGAWACFADDAVWLASEGPEPGRTYTKTEIRDLLVQLDEMARTVRAQGMDGVFEEPVFLTDP
DKAVVEWSLRKADGEVVDRGIDLFTLRDGKILVKDVFRKAKLAAALEHHHHHH
;
_entity_poly.pdbx_strand_id   A,B
#
# COMPACT_ATOMS: atom_id res chain seq x y z
N ALA A 2 -20.56 -9.43 -12.23
CA ALA A 2 -19.15 -9.33 -11.78
C ALA A 2 -18.85 -10.37 -10.70
N LYS A 3 -17.57 -10.68 -10.48
CA LYS A 3 -17.24 -11.68 -9.46
C LYS A 3 -17.33 -11.16 -8.05
N SER A 4 -17.43 -9.84 -7.86
CA SER A 4 -17.51 -9.18 -6.56
C SER A 4 -17.70 -7.69 -6.84
N VAL A 5 -18.05 -6.93 -5.79
CA VAL A 5 -18.27 -5.50 -5.93
C VAL A 5 -16.97 -4.80 -6.27
N ILE A 6 -15.82 -5.36 -5.91
CA ILE A 6 -14.56 -4.78 -6.31
C ILE A 6 -14.35 -4.98 -7.80
N HIS A 7 -14.59 -6.20 -8.29
CA HIS A 7 -14.61 -6.41 -9.74
C HIS A 7 -15.58 -5.45 -10.43
N GLN A 8 -16.76 -5.25 -9.86
CA GLN A 8 -17.71 -4.37 -10.53
C GLN A 8 -17.15 -2.95 -10.61
N PHE A 9 -16.45 -2.51 -9.55
CA PHE A 9 -15.93 -1.14 -9.54
C PHE A 9 -14.93 -0.95 -10.65
N PHE A 10 -13.99 -1.88 -10.80
CA PHE A 10 -12.98 -1.71 -11.83
C PHE A 10 -13.55 -1.93 -13.21
N GLU A 11 -14.56 -2.80 -13.34
CA GLU A 11 -15.17 -3.00 -14.63
C GLU A 11 -15.94 -1.75 -15.07
N SER A 12 -16.69 -1.13 -14.14
CA SER A 12 -17.37 0.12 -14.47
C SER A 12 -16.37 1.20 -14.85
N GLY A 13 -15.32 1.35 -14.06
CA GLY A 13 -14.31 2.35 -14.37
C GLY A 13 -13.72 2.13 -15.76
N ALA A 14 -13.30 0.91 -16.05
CA ALA A 14 -12.77 0.60 -17.36
C ALA A 14 -13.77 0.91 -18.46
N LYS A 15 -15.07 0.96 -18.16
CA LYS A 15 -16.07 1.27 -19.15
C LYS A 15 -16.38 2.76 -19.23
N GLY A 16 -15.81 3.58 -18.35
CA GLY A 16 -16.21 4.96 -18.27
C GLY A 16 -17.54 5.21 -17.60
N ASP A 17 -18.09 4.21 -16.91
CA ASP A 17 -19.38 4.35 -16.24
C ASP A 17 -19.14 4.88 -14.83
N VAL A 18 -18.96 6.19 -14.75
CA VAL A 18 -18.75 6.86 -13.47
C VAL A 18 -19.88 6.52 -12.50
N ASP A 19 -21.12 6.60 -12.98
CA ASP A 19 -22.25 6.36 -12.10
C ASP A 19 -22.27 4.92 -11.60
N GLY A 20 -21.93 3.96 -12.47
CA GLY A 20 -21.88 2.57 -12.03
C GLY A 20 -20.79 2.34 -11.00
N ALA A 21 -19.64 2.99 -11.17
CA ALA A 21 -18.55 2.82 -10.21
C ALA A 21 -18.91 3.49 -8.89
N TRP A 22 -19.52 4.67 -8.94
CA TRP A 22 -19.88 5.41 -7.73
C TRP A 22 -20.86 4.60 -6.90
N ALA A 23 -21.76 3.87 -7.55
CA ALA A 23 -22.78 3.12 -6.84
C ALA A 23 -22.22 1.93 -6.10
N CYS A 24 -20.98 1.52 -6.39
CA CYS A 24 -20.32 0.45 -5.65
C CYS A 24 -20.03 0.84 -4.21
N PHE A 25 -20.06 2.13 -3.87
CA PHE A 25 -19.73 2.59 -2.52
C PHE A 25 -20.97 2.72 -1.64
N ALA A 26 -20.83 2.31 -0.38
CA ALA A 26 -21.88 2.52 0.61
C ALA A 26 -22.00 4.00 0.90
N ASP A 27 -23.17 4.43 1.39
CA ASP A 27 -23.31 5.87 1.59
C ASP A 27 -22.36 6.40 2.66
N ASP A 28 -21.93 5.56 3.61
CA ASP A 28 -20.94 5.99 4.60
C ASP A 28 -19.50 5.61 4.22
N ALA A 29 -19.24 5.30 2.95
CA ALA A 29 -17.91 4.89 2.51
C ALA A 29 -16.94 6.07 2.52
N VAL A 30 -15.64 5.74 2.61
CA VAL A 30 -14.57 6.70 2.43
C VAL A 30 -13.55 6.14 1.46
N TRP A 31 -13.01 7.05 0.66
CA TRP A 31 -11.86 6.81 -0.18
C TRP A 31 -10.70 7.55 0.46
N LEU A 32 -9.68 6.82 0.85
CA LEU A 32 -8.53 7.39 1.56
C LEU A 32 -7.42 7.50 0.53
N ALA A 33 -7.28 8.70 -0.02
CA ALA A 33 -6.37 8.95 -1.13
C ALA A 33 -4.93 8.77 -0.69
N SER A 34 -4.07 8.51 -1.67
CA SER A 34 -2.67 8.20 -1.38
C SER A 34 -1.82 9.40 -1.02
N GLU A 35 -2.29 10.63 -1.25
CA GLU A 35 -1.53 11.84 -0.93
C GLU A 35 -2.46 12.84 -0.25
N GLY A 36 -1.90 13.62 0.65
CA GLY A 36 -2.67 14.63 1.33
C GLY A 36 -2.16 14.85 2.72
N PRO A 37 -2.76 15.80 3.44
CA PRO A 37 -2.20 16.21 4.74
C PRO A 37 -2.50 15.31 5.93
N GLU A 38 -3.26 14.22 5.76
CA GLU A 38 -3.79 13.54 6.94
C GLU A 38 -2.85 12.57 7.66
N PRO A 39 -1.85 11.95 7.01
CA PRO A 39 -1.42 11.97 5.59
C PRO A 39 -2.40 11.23 4.71
N GLY A 40 -2.41 11.55 3.43
CA GLY A 40 -3.47 11.11 2.56
C GLY A 40 -4.61 12.09 2.69
N ARG A 41 -5.74 11.72 2.07
CA ARG A 41 -6.89 12.62 2.12
C ARG A 41 -8.18 11.80 2.15
N THR A 42 -9.09 12.15 3.06
CA THR A 42 -10.36 11.43 3.19
C THR A 42 -11.38 12.06 2.27
N TYR A 43 -11.94 11.27 1.37
CA TYR A 43 -13.06 11.66 0.53
C TYR A 43 -14.30 10.87 0.93
N THR A 44 -15.39 11.58 1.21
CA THR A 44 -16.66 10.91 1.48
C THR A 44 -17.35 10.59 0.17
N LYS A 45 -18.48 9.88 0.26
CA LYS A 45 -19.10 9.41 -0.96
C LYS A 45 -19.53 10.55 -1.86
N THR A 46 -20.05 11.64 -1.29
N THR A 46 -20.00 11.66 -1.28
CA THR A 46 -20.38 12.79 -2.12
CA THR A 46 -20.39 12.83 -2.05
C THR A 46 -19.16 13.28 -2.89
C THR A 46 -19.21 13.53 -2.69
N GLU A 47 -17.98 13.24 -2.27
CA GLU A 47 -16.78 13.74 -2.93
C GLU A 47 -16.18 12.74 -3.91
N ILE A 48 -16.59 11.47 -3.85
CA ILE A 48 -15.92 10.45 -4.65
C ILE A 48 -16.28 10.57 -6.12
N ARG A 49 -17.51 10.99 -6.44
CA ARG A 49 -17.89 10.99 -7.85
C ARG A 49 -16.97 11.91 -8.67
N ASP A 50 -16.58 13.06 -8.11
CA ASP A 50 -15.70 13.95 -8.86
C ASP A 50 -14.31 13.35 -9.03
N LEU A 51 -13.82 12.58 -8.05
CA LEU A 51 -12.58 11.84 -8.23
C LEU A 51 -12.68 10.88 -9.41
N LEU A 52 -13.83 10.20 -9.54
CA LEU A 52 -13.98 9.25 -10.63
C LEU A 52 -14.00 9.94 -11.97
N VAL A 53 -14.61 11.14 -12.05
CA VAL A 53 -14.58 11.91 -13.28
C VAL A 53 -13.14 12.26 -13.64
N GLN A 54 -12.38 12.74 -12.65
CA GLN A 54 -10.98 13.08 -12.88
C GLN A 54 -10.20 11.88 -13.38
N LEU A 55 -10.42 10.73 -12.75
CA LEU A 55 -9.66 9.53 -13.10
C LEU A 55 -10.01 9.05 -14.50
N ASP A 56 -11.28 9.18 -14.90
CA ASP A 56 -11.67 8.79 -16.24
C ASP A 56 -10.97 9.65 -17.28
N GLU A 57 -10.82 10.94 -17.01
CA GLU A 57 -10.17 11.77 -18.01
C GLU A 57 -8.64 11.60 -18.01
N MET A 58 -8.05 11.32 -16.85
CA MET A 58 -6.63 10.94 -16.81
C MET A 58 -6.38 9.62 -17.54
N ALA A 59 -7.25 8.63 -17.31
CA ALA A 59 -7.13 7.37 -18.03
C ALA A 59 -7.06 7.60 -19.54
N ARG A 60 -7.98 8.42 -20.08
CA ARG A 60 -7.98 8.63 -21.53
C ARG A 60 -6.76 9.42 -21.98
N THR A 61 -6.20 10.26 -21.10
N THR A 61 -6.21 10.27 -21.11
CA THR A 61 -5.05 11.04 -21.50
CA THR A 61 -5.05 11.04 -21.52
C THR A 61 -3.78 10.20 -21.52
C THR A 61 -3.77 10.20 -21.54
N VAL A 62 -3.59 9.31 -20.55
CA VAL A 62 -2.41 8.44 -20.56
C VAL A 62 -2.51 7.43 -21.71
N ARG A 63 -3.71 6.93 -22.01
CA ARG A 63 -3.88 6.06 -23.16
C ARG A 63 -3.43 6.74 -24.44
N ALA A 64 -3.78 8.02 -24.62
CA ALA A 64 -3.40 8.73 -25.84
C ALA A 64 -1.89 8.95 -25.92
N GLN A 65 -1.18 8.81 -24.80
CA GLN A 65 0.27 8.90 -24.80
C GLN A 65 0.94 7.55 -24.93
N GLY A 66 0.17 6.48 -25.09
CA GLY A 66 0.72 5.15 -25.23
C GLY A 66 0.96 4.45 -23.93
N MET A 67 0.48 5.01 -22.82
CA MET A 67 0.65 4.38 -21.52
C MET A 67 -0.42 3.32 -21.28
N ASP A 68 -0.11 2.36 -20.43
CA ASP A 68 -0.97 1.22 -20.17
C ASP A 68 -1.19 1.11 -18.66
N GLY A 69 -2.44 1.34 -18.22
CA GLY A 69 -2.82 1.16 -16.83
C GLY A 69 -3.25 -0.27 -16.55
N VAL A 70 -2.57 -0.95 -15.63
CA VAL A 70 -2.80 -2.37 -15.37
C VAL A 70 -3.29 -2.52 -13.93
N PHE A 71 -4.46 -3.12 -13.76
CA PHE A 71 -5.01 -3.45 -12.45
C PHE A 71 -5.05 -4.96 -12.31
N GLU A 72 -4.33 -5.49 -11.32
CA GLU A 72 -4.27 -6.93 -11.12
C GLU A 72 -5.62 -7.43 -10.60
N GLU A 73 -5.83 -8.73 -10.74
CA GLU A 73 -7.05 -9.30 -10.22
C GLU A 73 -7.07 -9.11 -8.70
N PRO A 74 -8.22 -8.73 -8.12
CA PRO A 74 -8.29 -8.59 -6.66
C PRO A 74 -7.94 -9.90 -5.99
N VAL A 75 -7.24 -9.81 -4.87
CA VAL A 75 -6.96 -10.98 -4.04
C VAL A 75 -7.56 -10.74 -2.67
N PHE A 76 -8.48 -11.61 -2.28
CA PHE A 76 -9.13 -11.41 -0.98
C PHE A 76 -8.22 -11.89 0.16
N LEU A 77 -8.46 -11.34 1.34
CA LEU A 77 -7.72 -11.75 2.52
C LEU A 77 -8.44 -12.91 3.23
N THR A 78 -7.82 -13.46 4.27
CA THR A 78 -8.52 -14.48 5.07
C THR A 78 -9.78 -13.90 5.69
N ASP A 79 -9.81 -12.59 5.88
CA ASP A 79 -11.03 -11.84 6.17
C ASP A 79 -11.69 -11.56 4.83
N PRO A 80 -12.78 -12.22 4.47
CA PRO A 80 -13.31 -12.12 3.10
C PRO A 80 -13.91 -10.77 2.79
N ASP A 81 -14.08 -9.89 3.77
CA ASP A 81 -14.51 -8.52 3.51
C ASP A 81 -13.35 -7.56 3.24
N LYS A 82 -12.12 -8.07 3.12
CA LYS A 82 -10.98 -7.23 2.75
C LYS A 82 -10.27 -7.84 1.55
N ALA A 83 -9.72 -6.98 0.69
CA ALA A 83 -8.99 -7.50 -0.45
C ALA A 83 -7.98 -6.45 -0.90
N VAL A 84 -6.95 -6.89 -1.63
CA VAL A 84 -5.99 -5.95 -2.18
C VAL A 84 -6.07 -6.02 -3.70
N VAL A 85 -5.84 -4.86 -4.32
CA VAL A 85 -5.72 -4.77 -5.76
C VAL A 85 -4.41 -4.06 -6.03
N GLU A 86 -3.43 -4.79 -6.59
CA GLU A 86 -2.19 -4.17 -7.06
C GLU A 86 -2.40 -3.53 -8.44
N TRP A 87 -1.71 -2.41 -8.68
CA TRP A 87 -1.88 -1.72 -9.96
C TRP A 87 -0.60 -0.99 -10.35
N SER A 88 -0.50 -0.67 -11.64
CA SER A 88 0.68 0.02 -12.16
C SER A 88 0.31 0.79 -13.43
N LEU A 89 1.12 1.79 -13.73
CA LEU A 89 1.08 2.50 -15.00
C LEU A 89 2.41 2.28 -15.70
N ARG A 90 2.33 1.85 -16.97
CA ARG A 90 3.51 1.46 -17.74
C ARG A 90 3.57 2.26 -19.03
N LYS A 91 4.76 2.77 -19.34
CA LYS A 91 5.01 3.27 -20.69
C LYS A 91 4.76 2.14 -21.70
N ALA A 92 4.65 2.52 -22.98
CA ALA A 92 4.25 1.54 -23.98
C ALA A 92 5.22 0.36 -24.06
N ASP A 93 6.53 0.61 -23.87
CA ASP A 93 7.49 -0.48 -23.89
C ASP A 93 7.38 -1.41 -22.69
N GLY A 94 6.80 -0.96 -21.57
CA GLY A 94 6.68 -1.75 -20.36
C GLY A 94 7.27 -1.09 -19.13
N GLU A 95 8.01 0.00 -19.27
CA GLU A 95 8.59 0.66 -18.10
C GLU A 95 7.49 1.14 -17.17
N VAL A 96 7.71 0.98 -15.87
CA VAL A 96 6.75 1.37 -14.84
C VAL A 96 7.05 2.79 -14.39
N VAL A 97 6.05 3.66 -14.44
CA VAL A 97 6.18 5.02 -13.94
C VAL A 97 5.33 5.28 -12.71
N ASP A 98 4.39 4.38 -12.39
CA ASP A 98 3.52 4.53 -11.24
C ASP A 98 3.17 3.14 -10.77
N ARG A 99 3.19 2.92 -9.46
CA ARG A 99 2.83 1.62 -8.94
C ARG A 99 2.23 1.78 -7.55
N GLY A 100 1.19 1.02 -7.28
CA GLY A 100 0.53 1.16 -6.00
C GLY A 100 -0.29 -0.06 -5.65
N ILE A 101 -1.08 0.08 -4.58
CA ILE A 101 -1.94 -0.99 -4.10
C ILE A 101 -3.11 -0.34 -3.40
N ASP A 102 -4.31 -0.92 -3.57
CA ASP A 102 -5.51 -0.51 -2.87
C ASP A 102 -5.88 -1.60 -1.88
N LEU A 103 -6.18 -1.22 -0.65
CA LEU A 103 -6.76 -2.11 0.34
C LEU A 103 -8.24 -1.78 0.47
N PHE A 104 -9.11 -2.73 0.12
CA PHE A 104 -10.56 -2.58 0.18
C PHE A 104 -11.15 -3.19 1.45
N THR A 105 -12.11 -2.49 2.04
CA THR A 105 -12.94 -3.05 3.09
C THR A 105 -14.37 -3.01 2.57
N LEU A 106 -15.04 -4.17 2.63
CA LEU A 106 -16.41 -4.31 2.16
C LEU A 106 -17.38 -4.49 3.32
N ARG A 107 -18.63 -4.17 3.04
CA ARG A 107 -19.71 -4.43 3.99
C ARG A 107 -20.97 -4.67 3.18
N ASP A 108 -21.57 -5.87 3.34
CA ASP A 108 -22.88 -6.15 2.74
C ASP A 108 -22.89 -5.89 1.23
N GLY A 109 -21.82 -6.29 0.56
CA GLY A 109 -21.72 -6.16 -0.88
C GLY A 109 -21.42 -4.78 -1.39
N LYS A 110 -21.04 -3.86 -0.52
CA LYS A 110 -20.67 -2.53 -0.95
C LYS A 110 -19.26 -2.23 -0.47
N ILE A 111 -18.60 -1.29 -1.14
CA ILE A 111 -17.28 -0.85 -0.70
C ILE A 111 -17.47 0.13 0.44
N LEU A 112 -16.82 -0.15 1.57
CA LEU A 112 -16.87 0.72 2.73
C LEU A 112 -15.61 1.56 2.85
N VAL A 113 -14.46 1.02 2.49
CA VAL A 113 -13.20 1.76 2.52
C VAL A 113 -12.42 1.38 1.29
N LYS A 114 -11.92 2.37 0.56
CA LYS A 114 -10.87 2.16 -0.43
C LYS A 114 -9.65 2.95 0.04
N ASP A 115 -8.62 2.23 0.49
CA ASP A 115 -7.42 2.82 1.08
C ASP A 115 -6.31 2.68 0.06
N VAL A 116 -5.87 3.81 -0.51
CA VAL A 116 -4.99 3.82 -1.69
C VAL A 116 -3.58 4.18 -1.26
N PHE A 117 -2.60 3.40 -1.73
CA PHE A 117 -1.19 3.69 -1.50
C PHE A 117 -0.45 3.67 -2.84
N ARG A 118 0.61 4.49 -2.96
CA ARG A 118 1.42 4.41 -4.18
C ARG A 118 2.87 4.68 -3.84
N LYS A 119 3.76 4.09 -4.64
CA LYS A 119 5.17 4.41 -4.50
C LYS A 119 5.39 5.88 -4.79
N ALA A 120 6.33 6.49 -4.08
CA ALA A 120 6.73 7.87 -4.34
C ALA A 120 7.96 7.78 -5.21
N LYS A 121 7.80 8.10 -6.49
CA LYS A 121 8.91 8.18 -7.42
C LYS A 121 9.55 9.55 -7.22
N LEU A 122 10.12 9.70 -6.02
CA LEU A 122 10.79 10.93 -5.60
C LEU A 122 12.26 10.64 -5.32
N ALA B 2 7.93 -17.30 17.26
CA ALA B 2 6.97 -16.45 16.59
C ALA B 2 5.86 -17.28 15.97
N LYS B 3 4.76 -16.62 15.60
CA LYS B 3 3.68 -17.27 14.89
C LYS B 3 3.87 -17.25 13.38
N SER B 4 4.90 -16.54 12.90
CA SER B 4 5.34 -16.55 11.50
C SER B 4 6.67 -15.82 11.43
N VAL B 5 7.33 -15.91 10.27
CA VAL B 5 8.57 -15.14 10.10
C VAL B 5 8.29 -13.65 10.10
N ILE B 6 7.08 -13.25 9.72
CA ILE B 6 6.71 -11.83 9.80
C ILE B 6 6.63 -11.39 11.25
N HIS B 7 6.00 -12.20 12.11
CA HIS B 7 5.99 -11.90 13.53
C HIS B 7 7.41 -11.82 14.08
N GLN B 8 8.28 -12.77 13.70
CA GLN B 8 9.67 -12.73 14.12
C GLN B 8 10.35 -11.44 13.70
N PHE B 9 10.14 -11.01 12.46
CA PHE B 9 10.82 -9.83 11.95
C PHE B 9 10.48 -8.60 12.79
N PHE B 10 9.19 -8.37 13.07
CA PHE B 10 8.84 -7.17 13.83
C PHE B 10 9.23 -7.29 15.30
N GLU B 11 9.18 -8.50 15.88
CA GLU B 11 9.72 -8.68 17.22
C GLU B 11 11.18 -8.28 17.28
N SER B 12 12.00 -8.74 16.33
CA SER B 12 13.43 -8.46 16.41
C SER B 12 13.75 -7.01 16.09
N GLY B 13 13.04 -6.42 15.12
CA GLY B 13 13.27 -5.03 14.80
C GLY B 13 13.00 -4.12 15.98
N ALA B 14 11.87 -4.34 16.66
CA ALA B 14 11.52 -3.50 17.79
C ALA B 14 12.56 -3.57 18.90
N LYS B 15 13.24 -4.71 19.05
CA LYS B 15 14.31 -4.85 20.03
C LYS B 15 15.63 -4.21 19.58
N GLY B 16 15.71 -3.69 18.36
CA GLY B 16 17.00 -3.25 17.87
C GLY B 16 17.95 -4.37 17.51
N ASP B 17 17.44 -5.60 17.41
CA ASP B 17 18.23 -6.76 16.96
C ASP B 17 18.27 -6.74 15.43
N VAL B 18 19.19 -5.94 14.90
CA VAL B 18 19.38 -5.89 13.46
C VAL B 18 19.67 -7.28 12.91
N ASP B 19 20.62 -7.99 13.53
CA ASP B 19 21.04 -9.28 13.01
C ASP B 19 19.88 -10.25 12.93
N GLY B 20 19.04 -10.30 13.97
CA GLY B 20 17.88 -11.19 13.95
C GLY B 20 16.85 -10.80 12.90
N ALA B 21 16.58 -9.50 12.76
CA ALA B 21 15.65 -9.08 11.72
C ALA B 21 16.22 -9.40 10.34
N TRP B 22 17.53 -9.25 10.17
CA TRP B 22 18.13 -9.50 8.87
C TRP B 22 18.01 -10.96 8.49
N ALA B 23 18.18 -11.85 9.46
CA ALA B 23 18.12 -13.28 9.20
C ALA B 23 16.74 -13.73 8.75
N CYS B 24 15.71 -12.90 8.87
CA CYS B 24 14.39 -13.28 8.39
C CYS B 24 14.29 -13.27 6.86
N PHE B 25 15.26 -12.66 6.18
CA PHE B 25 15.19 -12.52 4.74
C PHE B 25 15.93 -13.64 4.04
N ALA B 26 15.31 -14.17 2.99
CA ALA B 26 15.96 -15.10 2.09
C ALA B 26 17.16 -14.44 1.45
N ASP B 27 18.17 -15.23 1.08
CA ASP B 27 19.35 -14.63 0.44
C ASP B 27 18.99 -13.92 -0.85
N ASP B 28 17.96 -14.37 -1.55
CA ASP B 28 17.51 -13.69 -2.77
C ASP B 28 16.34 -12.73 -2.51
N ALA B 29 16.15 -12.31 -1.26
CA ALA B 29 15.06 -11.39 -0.94
C ALA B 29 15.32 -9.99 -1.49
N VAL B 30 14.23 -9.23 -1.67
CA VAL B 30 14.30 -7.79 -1.98
C VAL B 30 13.36 -7.06 -1.04
N TRP B 31 13.82 -5.90 -0.59
CA TRP B 31 13.02 -4.93 0.14
C TRP B 31 12.73 -3.80 -0.85
N LEU B 32 11.47 -3.63 -1.21
CA LEU B 32 11.08 -2.61 -2.19
C LEU B 32 10.60 -1.40 -1.40
N ALA B 33 11.49 -0.41 -1.26
CA ALA B 33 11.23 0.76 -0.43
C ALA B 33 10.16 1.66 -1.04
N SER B 34 9.53 2.46 -0.19
CA SER B 34 8.38 3.25 -0.61
C SER B 34 8.73 4.36 -1.59
N GLU B 35 9.98 4.82 -1.60
CA GLU B 35 10.39 5.97 -2.40
C GLU B 35 11.62 5.63 -3.22
N GLY B 36 11.68 6.17 -4.43
CA GLY B 36 12.84 6.01 -5.29
C GLY B 36 12.48 6.18 -6.74
N PRO B 37 13.43 5.90 -7.64
CA PRO B 37 13.18 6.12 -9.07
C PRO B 37 12.53 4.98 -9.82
N GLU B 38 12.18 3.87 -9.16
CA GLU B 38 11.86 2.66 -9.89
C GLU B 38 10.43 2.53 -10.42
N PRO B 39 9.40 3.14 -9.79
CA PRO B 39 9.34 3.95 -8.57
C PRO B 39 9.57 3.08 -7.34
N GLY B 40 9.95 3.68 -6.22
CA GLY B 40 10.47 2.91 -5.12
C GLY B 40 11.94 2.62 -5.35
N ARG B 41 12.52 1.91 -4.38
CA ARG B 41 13.95 1.61 -4.39
C ARG B 41 14.17 0.17 -3.99
N THR B 42 14.91 -0.57 -4.80
CA THR B 42 15.16 -1.98 -4.50
C THR B 42 16.41 -2.16 -3.65
N TYR B 43 16.26 -2.85 -2.53
CA TYR B 43 17.36 -3.24 -1.66
C TYR B 43 17.48 -4.77 -1.69
N THR B 44 18.65 -5.28 -2.09
CA THR B 44 18.88 -6.71 -1.98
C THR B 44 19.28 -7.06 -0.54
N LYS B 45 19.42 -8.36 -0.27
CA LYS B 45 19.69 -8.75 1.11
C LYS B 45 20.97 -8.12 1.66
N THR B 46 22.01 -7.99 0.83
N THR B 46 22.02 -8.03 0.84
CA THR B 46 23.24 -7.37 1.32
CA THR B 46 23.23 -7.37 1.29
C THR B 46 23.04 -5.90 1.66
C THR B 46 22.93 -5.95 1.76
N GLU B 47 22.10 -5.23 1.00
CA GLU B 47 21.82 -3.82 1.26
C GLU B 47 20.80 -3.62 2.37
N ILE B 48 20.07 -4.67 2.75
N ILE B 48 20.06 -4.66 2.76
CA ILE B 48 19.01 -4.53 3.74
CA ILE B 48 18.99 -4.47 3.73
C ILE B 48 19.56 -4.28 5.13
C ILE B 48 19.52 -4.35 5.15
N ARG B 49 20.72 -4.84 5.45
CA ARG B 49 21.23 -4.68 6.80
C ARG B 49 21.47 -3.21 7.12
N ASP B 50 22.07 -2.46 6.19
CA ASP B 50 22.28 -1.03 6.46
C ASP B 50 20.95 -0.30 6.58
N LEU B 51 19.99 -0.65 5.72
CA LEU B 51 18.66 -0.08 5.89
C LEU B 51 18.13 -0.36 7.28
N LEU B 52 18.28 -1.59 7.77
CA LEU B 52 17.81 -1.90 9.12
C LEU B 52 18.55 -1.10 10.17
N VAL B 53 19.85 -0.81 9.97
CA VAL B 53 20.55 0.02 10.95
C VAL B 53 20.07 1.46 10.87
N GLN B 54 19.92 2.00 9.65
CA GLN B 54 19.39 3.34 9.50
C GLN B 54 18.00 3.46 10.13
N LEU B 55 17.14 2.47 9.88
CA LEU B 55 15.82 2.47 10.50
C LEU B 55 15.91 2.34 12.01
N ASP B 56 16.93 1.65 12.50
CA ASP B 56 17.06 1.45 13.94
C ASP B 56 17.35 2.77 14.66
N GLU B 57 18.23 3.59 14.08
CA GLU B 57 18.47 4.92 14.67
C GLU B 57 17.38 5.92 14.30
N MET B 58 16.59 5.64 13.26
CA MET B 58 15.35 6.38 13.05
C MET B 58 14.39 6.14 14.21
N ALA B 59 14.23 4.87 14.60
CA ALA B 59 13.29 4.54 15.67
C ALA B 59 13.69 5.19 16.99
N ARG B 60 14.99 5.22 17.31
CA ARG B 60 15.41 5.88 18.53
C ARG B 60 15.01 7.35 18.54
N THR B 61 15.13 8.01 17.38
CA THR B 61 14.86 9.45 17.34
C THR B 61 13.37 9.73 17.47
N VAL B 62 12.52 8.87 16.91
CA VAL B 62 11.09 9.03 17.15
C VAL B 62 10.73 8.59 18.56
N ARG B 63 11.34 7.50 19.02
CA ARG B 63 11.14 7.06 20.40
C ARG B 63 11.51 8.18 21.37
N ALA B 64 12.62 8.87 21.11
CA ALA B 64 13.10 9.94 21.97
C ALA B 64 12.28 11.22 21.82
N GLN B 65 11.06 11.10 21.29
CA GLN B 65 10.20 12.27 21.13
C GLN B 65 8.73 11.97 21.43
N GLY B 66 8.44 10.86 22.12
CA GLY B 66 7.08 10.49 22.43
C GLY B 66 6.29 9.87 21.27
N MET B 67 6.92 9.66 20.12
CA MET B 67 6.26 9.04 18.98
C MET B 67 6.27 7.52 19.14
N ASP B 68 5.17 6.89 18.74
CA ASP B 68 5.03 5.45 18.82
C ASP B 68 4.62 4.88 17.48
N GLY B 69 5.34 3.85 17.03
CA GLY B 69 4.96 3.12 15.83
C GLY B 69 4.12 1.91 16.18
N VAL B 70 3.12 1.63 15.34
CA VAL B 70 2.19 0.53 15.53
C VAL B 70 2.22 -0.32 14.27
N PHE B 71 2.49 -1.61 14.43
CA PHE B 71 2.51 -2.56 13.32
C PHE B 71 1.45 -3.62 13.56
N GLU B 72 0.44 -3.66 12.68
CA GLU B 72 -0.67 -4.57 12.90
C GLU B 72 -0.27 -6.02 12.57
N GLU B 73 -1.03 -6.93 13.15
CA GLU B 73 -0.82 -8.34 12.89
C GLU B 73 -0.97 -8.59 11.38
N PRO B 74 -0.09 -9.38 10.77
CA PRO B 74 -0.26 -9.67 9.34
C PRO B 74 -1.59 -10.36 9.08
N VAL B 75 -2.24 -9.96 7.99
CA VAL B 75 -3.42 -10.64 7.48
C VAL B 75 -3.04 -11.27 6.15
N PHE B 76 -3.19 -12.58 6.05
CA PHE B 76 -2.72 -13.28 4.86
C PHE B 76 -3.73 -13.21 3.73
N LEU B 77 -3.22 -13.30 2.50
CA LEU B 77 -4.07 -13.36 1.32
C LEU B 77 -4.56 -14.78 1.13
N THR B 78 -5.40 -14.98 0.11
CA THR B 78 -5.82 -16.33 -0.24
C THR B 78 -4.65 -17.15 -0.80
N ASP B 79 -3.58 -16.51 -1.25
CA ASP B 79 -2.27 -17.10 -1.42
C ASP B 79 -1.61 -17.05 -0.05
N PRO B 80 -1.41 -18.19 0.62
CA PRO B 80 -0.99 -18.17 2.02
C PRO B 80 0.46 -17.78 2.21
N ASP B 81 1.19 -17.59 1.12
CA ASP B 81 2.56 -17.09 1.17
C ASP B 81 2.64 -15.57 1.09
N LYS B 82 1.52 -14.87 1.11
CA LYS B 82 1.50 -13.42 1.02
C LYS B 82 0.64 -12.86 2.14
N ALA B 83 1.04 -11.71 2.68
CA ALA B 83 0.30 -11.06 3.76
C ALA B 83 0.50 -9.55 3.72
N VAL B 84 -0.49 -8.82 4.24
CA VAL B 84 -0.37 -7.37 4.41
C VAL B 84 -0.19 -7.08 5.89
N VAL B 85 0.69 -6.11 6.17
CA VAL B 85 0.86 -5.51 7.49
C VAL B 85 0.59 -4.02 7.37
N GLU B 86 -0.49 -3.55 7.99
CA GLU B 86 -0.77 -2.12 8.11
C GLU B 86 0.04 -1.52 9.25
N TRP B 87 0.54 -0.29 9.06
CA TRP B 87 1.34 0.30 10.13
C TRP B 87 1.15 1.82 10.18
N SER B 88 1.47 2.40 11.33
CA SER B 88 1.30 3.84 11.51
C SER B 88 2.29 4.34 12.56
N LEU B 89 2.75 5.58 12.38
CA LEU B 89 3.58 6.27 13.36
C LEU B 89 2.77 7.46 13.87
N ARG B 90 2.71 7.62 15.20
CA ARG B 90 1.78 8.57 15.75
C ARG B 90 2.42 9.30 16.92
N LYS B 91 2.07 10.57 17.06
CA LYS B 91 2.53 11.37 18.17
C LYS B 91 1.92 10.86 19.48
N ALA B 92 2.44 11.38 20.59
CA ALA B 92 1.91 11.00 21.90
C ALA B 92 0.41 11.26 21.96
N ASP B 93 -0.03 12.43 21.50
CA ASP B 93 -1.45 12.77 21.54
C ASP B 93 -2.29 12.05 20.49
N GLY B 94 -1.70 11.14 19.70
CA GLY B 94 -2.45 10.33 18.77
C GLY B 94 -2.43 10.80 17.34
N GLU B 95 -1.93 12.00 17.07
CA GLU B 95 -1.86 12.48 15.70
C GLU B 95 -1.01 11.55 14.84
N VAL B 96 -1.52 11.24 13.65
CA VAL B 96 -0.82 10.35 12.72
C VAL B 96 0.23 11.15 11.96
N VAL B 97 1.49 10.70 12.02
N VAL B 97 1.48 10.73 12.09
CA VAL B 97 2.56 11.40 11.31
CA VAL B 97 2.59 11.35 11.35
C VAL B 97 2.94 10.62 10.05
C VAL B 97 2.85 10.64 10.03
N ASP B 98 2.72 9.31 10.04
CA ASP B 98 3.05 8.50 8.88
C ASP B 98 2.21 7.23 8.94
N ARG B 99 1.80 6.74 7.77
CA ARG B 99 0.94 5.56 7.72
C ARG B 99 1.23 4.82 6.42
N GLY B 100 1.23 3.50 6.47
CA GLY B 100 1.55 2.76 5.27
C GLY B 100 1.09 1.33 5.36
N ILE B 101 1.49 0.54 4.38
CA ILE B 101 1.18 -0.89 4.34
C ILE B 101 2.35 -1.62 3.71
N ASP B 102 2.67 -2.80 4.25
CA ASP B 102 3.65 -3.68 3.67
C ASP B 102 2.97 -4.89 3.08
N LEU B 103 3.33 -5.24 1.85
CA LEU B 103 2.89 -6.50 1.26
C LEU B 103 4.09 -7.46 1.31
N PHE B 104 3.97 -8.52 2.10
CA PHE B 104 5.02 -9.52 2.24
C PHE B 104 4.77 -10.67 1.29
N THR B 105 5.85 -11.16 0.68
CA THR B 105 5.84 -12.44 -0.02
C THR B 105 6.82 -13.33 0.73
N LEU B 106 6.35 -14.50 1.15
CA LEU B 106 7.17 -15.44 1.91
C LEU B 106 7.48 -16.66 1.07
N ARG B 107 8.58 -17.33 1.41
CA ARG B 107 8.93 -18.54 0.69
C ARG B 107 9.81 -19.38 1.60
N ASP B 108 9.40 -20.62 1.84
CA ASP B 108 10.23 -21.55 2.64
C ASP B 108 10.55 -20.95 4.01
N GLY B 109 9.57 -20.25 4.60
CA GLY B 109 9.73 -19.73 5.94
C GLY B 109 10.61 -18.51 6.07
N LYS B 110 10.91 -17.83 4.97
CA LYS B 110 11.76 -16.66 4.95
C LYS B 110 11.03 -15.58 4.18
N ILE B 111 11.37 -14.33 4.42
CA ILE B 111 10.80 -13.23 3.64
C ILE B 111 11.51 -13.18 2.29
N LEU B 112 10.74 -13.27 1.21
CA LEU B 112 11.28 -13.12 -0.14
C LEU B 112 11.09 -11.70 -0.67
N VAL B 113 9.97 -11.07 -0.38
CA VAL B 113 9.73 -9.69 -0.80
C VAL B 113 9.06 -8.95 0.34
N LYS B 114 9.53 -7.75 0.64
CA LYS B 114 8.83 -6.80 1.50
C LYS B 114 8.57 -5.56 0.66
N ASP B 115 7.30 -5.35 0.27
CA ASP B 115 6.91 -4.31 -0.69
C ASP B 115 6.21 -3.22 0.11
N VAL B 116 6.88 -2.08 0.27
CA VAL B 116 6.50 -1.06 1.24
C VAL B 116 5.82 0.11 0.54
N PHE B 117 4.67 0.53 1.07
CA PHE B 117 3.94 1.68 0.55
C PHE B 117 3.61 2.61 1.71
N ARG B 118 3.69 3.92 1.49
CA ARG B 118 3.36 4.89 2.52
C ARG B 118 2.50 5.99 1.92
N LYS B 119 1.61 6.54 2.73
CA LYS B 119 0.90 7.73 2.29
C LYS B 119 1.89 8.88 2.10
N ALA B 120 1.65 9.73 1.11
CA ALA B 120 2.51 10.88 0.92
C ALA B 120 1.89 12.07 1.65
N LYS B 121 2.63 12.65 2.57
CA LYS B 121 2.19 13.83 3.31
C LYS B 121 2.39 15.05 2.42
N LEU B 122 1.30 15.68 2.01
CA LEU B 122 1.36 16.81 1.09
C LEU B 122 0.23 17.76 1.43
N ALA B 123 0.39 19.02 1.01
CA ALA B 123 -0.76 19.92 1.00
C ALA B 123 -1.71 19.55 -0.15
N ALA B 124 -1.15 19.13 -1.27
CA ALA B 124 -1.93 18.73 -2.44
C ALA B 124 -1.03 18.22 -3.56
N ALA B 125 -1.53 17.28 -4.36
CA ALA B 125 -0.87 16.84 -5.58
C ALA B 125 -1.68 17.31 -6.79
N LEU B 126 -0.98 17.62 -7.88
CA LEU B 126 -1.61 18.21 -9.06
C LEU B 126 -0.84 17.92 -10.35
#